data_2NQG
#
_entry.id   2NQG
#
_cell.length_a   40.554
_cell.length_b   70.588
_cell.length_c   110.186
_cell.angle_alpha   90.00
_cell.angle_beta   90.00
_cell.angle_gamma   90.00
#
_symmetry.space_group_name_H-M   'P 21 21 21'
#
loop_
_entity.id
_entity.type
_entity.pdbx_description
1 polymer 'Calpain-1 catalytic subunit'
2 non-polymer 'CALCIUM ION'
3 non-polymer 5-AZANYLIDYNE-N-[(2S)-4-ETHOXY-2-HYDROXY-4-OXOBUTANOYL]-L-NORVALYL-L-ARGINYL-L-TRYPTOPHANAMIDE
4 water water
#
_entity_poly.entity_id   1
_entity_poly.type   'polypeptide(L)'
_entity_poly.pdbx_seq_one_letter_code
;MGLGRHENAIKYLGQDYENLRARCLQNGVLFQDDAFPPVSHSLGFKELGPNSSKTYGIKWKRPTELLSNPQFIVDGATRT
DICQGALGDCWLLAAIASLTLNETILHRVVPYGQSFQEGYAGIFHFQLWQFGEWVDVVVDDLLPTKDGKLVFVHSAQGNE
FWSALLEKAYAKVNGSYEALSGGCTSEAFEDFTGGVTEWYDLQKAPSDLYQIILKALERGSLLGCSINISDIRDLEAITF
KNLVRGHAYSVTDAKQVTYQGQRVNLIRMRNPWGEVEWKGPWSDNSYEWNKVDPYEREQLRVKMEDGEFWMSFRDFIREF
TKLEICNLTPDLEHHHHHH
;
_entity_poly.pdbx_strand_id   A
#
# COMPACT_ATOMS: atom_id res chain seq x y z
N ASN A 8 -3.49 24.12 6.30
CA ASN A 8 -2.03 23.81 6.29
C ASN A 8 -1.58 22.93 7.46
N ALA A 9 -0.86 21.85 7.12
CA ALA A 9 -0.41 20.83 8.06
C ALA A 9 0.56 21.36 9.12
N ILE A 10 0.40 20.91 10.36
CA ILE A 10 1.32 21.30 11.38
C ILE A 10 2.50 20.33 11.34
N LYS A 11 3.68 20.77 11.78
CA LYS A 11 4.96 20.05 11.68
C LYS A 11 5.15 19.03 12.83
N TYR A 12 5.29 17.76 12.46
CA TYR A 12 5.49 16.72 13.47
C TYR A 12 6.82 17.01 14.18
N LEU A 13 6.78 17.14 15.51
CA LEU A 13 7.97 17.34 16.32
C LEU A 13 8.61 18.71 16.07
N GLY A 14 7.88 19.60 15.38
CA GLY A 14 8.40 20.91 14.98
C GLY A 14 9.39 20.91 13.83
N GLN A 15 9.62 19.74 13.24
CA GLN A 15 10.50 19.66 12.07
C GLN A 15 9.85 20.30 10.85
N ASP A 16 10.63 21.20 10.23
CA ASP A 16 10.17 22.06 9.15
C ASP A 16 10.82 21.66 7.82
N TYR A 17 10.08 20.96 6.96
CA TYR A 17 10.61 20.45 5.66
C TYR A 17 11.41 21.46 4.85
N GLU A 18 10.76 22.56 4.46
CA GLU A 18 11.40 23.62 3.63
C GLU A 18 12.63 24.30 4.25
N ASN A 19 12.56 24.60 5.53
CA ASN A 19 13.70 25.21 6.25
C ASN A 19 14.86 24.19 6.33
N LEU A 20 14.55 22.97 6.73
CA LEU A 20 15.57 21.89 6.77
C LEU A 20 16.27 21.65 5.41
N ARG A 21 15.47 21.52 4.36
CA ARG A 21 15.94 21.29 2.99
C ARG A 21 16.85 22.47 2.51
N ALA A 22 16.39 23.71 2.78
CA ALA A 22 17.16 24.90 2.39
C ALA A 22 18.49 25.04 3.11
N ARG A 23 18.48 24.75 4.40
CA ARG A 23 19.69 24.83 5.22
C ARG A 23 20.72 23.73 4.90
N CYS A 24 20.24 22.48 4.65
CA CYS A 24 21.14 21.43 4.09
C CYS A 24 21.74 21.84 2.74
N LEU A 25 20.92 22.40 1.86
CA LEU A 25 21.44 22.88 0.58
C LEU A 25 22.48 24.00 0.76
N GLN A 26 22.18 25.02 1.56
CA GLN A 26 23.13 26.07 1.90
C GLN A 26 24.49 25.52 2.46
N ASN A 27 24.41 24.58 3.41
CA ASN A 27 25.59 24.02 4.12
C ASN A 27 26.29 22.84 3.45
N GLY A 28 25.86 22.50 2.24
CA GLY A 28 26.50 21.52 1.37
C GLY A 28 26.37 20.07 1.80
N VAL A 29 25.28 19.76 2.52
CA VAL A 29 25.09 18.43 3.12
C VAL A 29 23.72 17.84 2.71
N LEU A 30 23.56 16.55 2.98
CA LEU A 30 22.27 15.88 2.87
C LEU A 30 21.73 15.64 4.28
N PHE A 31 20.40 15.71 4.42
CA PHE A 31 19.72 15.63 5.70
C PHE A 31 19.97 14.26 6.35
N GLN A 32 20.24 14.27 7.64
CA GLN A 32 20.22 13.08 8.44
C GLN A 32 19.26 13.37 9.59
N ASP A 33 18.24 12.55 9.75
CA ASP A 33 17.10 12.84 10.60
C ASP A 33 17.33 12.38 12.05
N ASP A 34 17.65 13.33 12.95
CA ASP A 34 17.87 12.99 14.34
C ASP A 34 16.69 12.25 14.98
N ALA A 35 15.48 12.54 14.51
CA ALA A 35 14.21 11.97 15.06
C ALA A 35 13.91 10.51 14.66
N PHE A 36 14.59 9.99 13.63
CA PHE A 36 14.38 8.66 13.08
C PHE A 36 15.64 8.34 12.31
N PRO A 37 16.73 8.13 13.03
CA PRO A 37 18.01 8.04 12.39
C PRO A 37 18.35 6.68 11.77
N PRO A 38 19.42 6.64 10.94
CA PRO A 38 19.73 5.44 10.15
C PRO A 38 20.52 4.43 10.95
N VAL A 39 19.83 3.88 11.94
CA VAL A 39 20.43 2.95 12.89
C VAL A 39 19.39 1.87 13.23
N SER A 40 19.84 0.84 13.97
CA SER A 40 19.02 -0.33 14.23
C SER A 40 17.71 -0.04 14.96
N HIS A 41 17.69 0.98 15.83
CA HIS A 41 16.52 1.27 16.65
C HIS A 41 15.34 1.80 15.79
N SER A 42 15.63 2.36 14.61
CA SER A 42 14.60 2.71 13.59
C SER A 42 14.04 1.49 12.82
N LEU A 43 14.82 0.40 12.76
CA LEU A 43 14.34 -0.87 12.23
C LEU A 43 13.37 -1.56 13.18
N GLY A 44 13.71 -1.58 14.45
CA GLY A 44 12.96 -2.38 15.42
C GLY A 44 13.70 -2.67 16.70
N PHE A 45 13.11 -3.57 17.53
CA PHE A 45 13.48 -3.78 18.95
C PHE A 45 13.68 -5.27 19.30
N LYS A 46 13.11 -6.19 18.51
CA LYS A 46 13.15 -7.67 18.75
C LYS A 46 13.36 -8.52 17.45
N GLU A 47 12.33 -8.71 16.64
CA GLU A 47 12.47 -9.33 15.33
C GLU A 47 13.41 -8.51 14.42
N LEU A 48 13.42 -7.18 14.60
CA LEU A 48 14.42 -6.37 13.94
C LEU A 48 15.31 -5.54 14.87
N GLY A 49 15.71 -6.10 16.01
CA GLY A 49 16.59 -5.41 16.98
C GLY A 49 18.08 -5.50 16.63
N PRO A 50 18.97 -4.73 17.31
CA PRO A 50 20.43 -4.83 17.00
C PRO A 50 20.95 -6.27 16.96
N ASN A 51 20.47 -7.08 17.89
CA ASN A 51 21.01 -8.44 18.10
C ASN A 51 20.43 -9.57 17.20
N SER A 52 19.78 -9.20 16.09
CA SER A 52 18.91 -10.14 15.36
C SER A 52 19.44 -10.47 13.97
N SER A 53 19.09 -11.65 13.46
CA SER A 53 19.53 -12.09 12.14
C SER A 53 19.07 -11.21 10.97
N LYS A 54 17.82 -10.77 11.01
CA LYS A 54 17.28 -9.86 9.98
C LYS A 54 18.11 -8.56 9.92
N THR A 55 18.33 -7.96 11.09
CA THR A 55 19.04 -6.69 11.18
C THR A 55 20.41 -6.75 10.52
N TYR A 56 21.12 -7.86 10.70
CA TYR A 56 22.57 -7.89 10.49
C TYR A 56 23.12 -7.51 9.10
N GLY A 57 22.46 -7.95 8.02
CA GLY A 57 22.94 -7.58 6.67
C GLY A 57 22.43 -6.22 6.16
N ILE A 58 21.50 -5.62 6.89
CA ILE A 58 20.83 -4.40 6.43
C ILE A 58 21.78 -3.22 6.48
N LYS A 59 21.89 -2.51 5.36
CA LYS A 59 22.68 -1.28 5.31
C LYS A 59 21.80 -0.15 4.86
N TRP A 60 21.99 1.02 5.45
CA TRP A 60 21.16 2.17 5.12
C TRP A 60 21.82 2.91 3.98
N LYS A 61 21.12 3.05 2.85
CA LYS A 61 21.65 3.73 1.69
C LYS A 61 20.54 4.62 1.11
N ARG A 62 20.95 5.75 0.55
CA ARG A 62 20.06 6.67 -0.19
C ARG A 62 19.80 6.19 -1.62
N PRO A 63 18.61 6.48 -2.20
CA PRO A 63 18.41 6.09 -3.59
C PRO A 63 19.51 6.68 -4.51
N THR A 64 20.09 7.81 -4.11
CA THR A 64 21.13 8.49 -4.90
C THR A 64 22.49 7.79 -4.76
N GLU A 65 22.60 6.84 -3.82
CA GLU A 65 23.80 6.01 -3.68
C GLU A 65 23.59 4.68 -4.42
N LEU A 66 22.34 4.25 -4.56
CA LEU A 66 22.00 3.00 -5.23
C LEU A 66 22.05 3.07 -6.77
N LEU A 67 21.53 4.15 -7.31
CA LEU A 67 21.27 4.29 -8.73
C LEU A 67 21.71 5.64 -9.23
N SER A 68 22.10 5.68 -10.49
CA SER A 68 22.47 6.94 -11.14
C SER A 68 21.27 7.86 -11.35
N ASN A 69 20.08 7.29 -11.63
CA ASN A 69 18.91 8.11 -11.94
C ASN A 69 17.66 7.75 -11.13
N PRO A 70 17.70 7.90 -9.78
CA PRO A 70 16.50 7.59 -8.98
C PRO A 70 15.42 8.65 -9.23
N GLN A 71 14.14 8.23 -9.18
CA GLN A 71 12.99 9.09 -9.42
C GLN A 71 12.05 8.92 -8.25
N PHE A 72 11.39 10.01 -7.85
CA PHE A 72 10.45 9.99 -6.77
C PHE A 72 9.15 9.29 -7.26
N ILE A 73 8.60 9.80 -8.37
CA ILE A 73 7.45 9.25 -9.04
C ILE A 73 7.78 8.96 -10.53
N VAL A 74 7.55 7.74 -10.96
CA VAL A 74 7.67 7.33 -12.38
C VAL A 74 6.31 6.89 -12.95
N ASP A 75 5.83 7.50 -14.04
CA ASP A 75 4.54 7.13 -14.68
C ASP A 75 3.39 7.19 -13.65
N GLY A 76 3.44 8.20 -12.79
CA GLY A 76 2.41 8.41 -11.79
C GLY A 76 2.59 7.58 -10.54
N ALA A 77 1.97 8.02 -9.44
CA ALA A 77 1.94 7.25 -8.19
C ALA A 77 0.71 6.32 -8.22
N THR A 78 0.95 5.04 -8.49
CA THR A 78 -0.11 4.09 -8.77
C THR A 78 0.10 2.82 -7.95
N ARG A 79 -0.89 1.95 -7.90
CA ARG A 79 -0.85 0.81 -6.96
C ARG A 79 0.14 -0.28 -7.35
N THR A 80 0.59 -0.30 -8.60
CA THR A 80 1.69 -1.21 -8.97
C THR A 80 3.05 -0.83 -8.36
N ASP A 81 3.10 0.33 -7.67
CA ASP A 81 4.31 0.86 -7.00
C ASP A 81 4.43 0.33 -5.57
N ILE A 82 3.44 -0.42 -5.14
CA ILE A 82 3.33 -0.97 -3.79
C ILE A 82 3.54 -2.49 -3.83
N CYS A 83 4.80 -2.93 -3.71
CA CYS A 83 5.15 -4.36 -3.65
C CYS A 83 5.82 -4.61 -2.30
N GLN A 84 5.10 -5.28 -1.42
CA GLN A 84 5.51 -5.49 -0.04
C GLN A 84 6.88 -6.20 0.06
N GLY A 85 7.68 -5.80 1.05
CA GLY A 85 8.96 -6.48 1.28
C GLY A 85 8.88 -7.35 2.50
N ALA A 86 9.99 -7.50 3.21
CA ALA A 86 10.07 -8.46 4.32
C ALA A 86 9.61 -7.83 5.64
N LEU A 87 8.36 -7.39 5.65
CA LEU A 87 7.79 -6.82 6.82
C LEU A 87 6.36 -7.14 6.71
N GLY A 88 5.75 -7.44 7.83
CA GLY A 88 4.34 -7.76 7.94
C GLY A 88 3.47 -6.53 8.04
N ASP A 89 3.65 -5.60 7.11
CA ASP A 89 2.82 -4.39 7.06
C ASP A 89 1.82 -4.39 5.91
N CYS A 90 1.29 -5.57 5.59
CA CYS A 90 0.32 -5.74 4.51
C CYS A 90 -0.84 -4.73 4.60
N TRP A 91 -1.31 -4.49 5.82
CA TRP A 91 -2.47 -3.61 6.12
C TRP A 91 -2.20 -2.19 5.70
N LEU A 92 -0.95 -1.75 5.94
CA LEU A 92 -0.50 -0.43 5.59
C LEU A 92 -0.40 -0.32 4.07
N LEU A 93 0.20 -1.31 3.42
CA LEU A 93 0.40 -1.28 1.97
C LEU A 93 -0.86 -1.45 1.10
N ALA A 94 -1.81 -2.27 1.57
CA ALA A 94 -3.17 -2.33 0.99
C ALA A 94 -3.83 -0.96 1.04
N ALA A 95 -3.67 -0.25 2.16
CA ALA A 95 -4.18 1.13 2.28
C ALA A 95 -3.52 2.12 1.30
N ILE A 96 -2.20 2.05 1.17
CA ILE A 96 -1.49 2.91 0.24
C ILE A 96 -1.91 2.58 -1.20
N ALA A 97 -1.99 1.28 -1.54
CA ALA A 97 -2.48 0.91 -2.90
C ALA A 97 -3.88 1.48 -3.19
N SER A 98 -4.78 1.37 -2.21
CA SER A 98 -6.12 1.96 -2.33
C SER A 98 -6.12 3.51 -2.49
N LEU A 99 -5.30 4.14 -1.68
CA LEU A 99 -5.07 5.59 -1.71
C LEU A 99 -4.78 6.13 -3.12
N THR A 100 -4.00 5.38 -3.90
CA THR A 100 -3.65 5.82 -5.26
C THR A 100 -4.82 5.92 -6.21
N LEU A 101 -5.94 5.24 -5.91
CA LEU A 101 -7.12 5.34 -6.79
C LEU A 101 -7.88 6.70 -6.66
N ASN A 102 -7.61 7.46 -5.59
CA ASN A 102 -8.24 8.77 -5.39
C ASN A 102 -7.15 9.84 -5.47
N GLU A 103 -6.97 10.43 -6.66
CA GLU A 103 -5.90 11.39 -6.92
C GLU A 103 -5.83 12.53 -5.92
N THR A 104 -6.98 13.05 -5.51
CA THR A 104 -7.09 14.17 -4.57
C THR A 104 -6.58 13.80 -3.17
N ILE A 105 -6.98 12.64 -2.67
CA ILE A 105 -6.44 12.26 -1.38
C ILE A 105 -5.00 11.82 -1.52
N LEU A 106 -4.65 11.22 -2.64
CA LEU A 106 -3.29 10.79 -2.82
C LEU A 106 -2.29 11.97 -2.70
N HIS A 107 -2.61 13.09 -3.33
CA HIS A 107 -1.62 14.13 -3.39
C HIS A 107 -1.67 15.09 -2.19
N ARG A 108 -2.61 14.83 -1.28
CA ARG A 108 -2.51 15.40 0.04
C ARG A 108 -1.49 14.63 0.89
N VAL A 109 -1.53 13.30 0.87
CA VAL A 109 -0.56 12.51 1.63
C VAL A 109 0.86 12.63 1.07
N VAL A 110 0.94 12.71 -0.24
CA VAL A 110 2.18 12.70 -0.97
C VAL A 110 2.28 14.07 -1.68
N PRO A 111 2.82 15.09 -0.98
CA PRO A 111 2.88 16.43 -1.62
C PRO A 111 3.62 16.47 -2.95
N TYR A 112 3.12 17.34 -3.83
CA TYR A 112 3.69 17.58 -5.16
C TYR A 112 5.04 18.29 -5.02
N GLY A 113 5.87 18.16 -6.05
CA GLY A 113 7.12 18.96 -6.16
C GLY A 113 8.43 18.33 -5.67
N GLN A 114 8.39 17.08 -5.24
CA GLN A 114 9.54 16.41 -4.60
C GLN A 114 10.36 15.58 -5.57
N SER A 115 11.68 15.69 -5.51
CA SER A 115 12.51 15.13 -6.54
C SER A 115 13.95 14.83 -6.11
N PHE A 116 14.62 13.99 -6.88
CA PHE A 116 16.04 13.74 -6.64
C PHE A 116 16.95 14.69 -7.45
N GLN A 117 16.38 15.60 -8.21
CA GLN A 117 17.22 16.48 -9.00
C GLN A 117 17.30 17.86 -8.38
N GLU A 118 16.79 18.87 -9.06
CA GLU A 118 16.84 20.26 -8.59
C GLU A 118 16.29 20.42 -7.15
N GLY A 119 17.09 20.96 -6.24
CA GLY A 119 16.63 21.26 -4.88
C GLY A 119 16.73 20.05 -3.95
N TYR A 120 17.26 18.93 -4.46
CA TYR A 120 17.41 17.71 -3.65
C TYR A 120 18.45 17.91 -2.57
N ALA A 121 18.08 17.58 -1.34
CA ALA A 121 19.05 17.62 -0.19
C ALA A 121 18.85 16.48 0.81
N GLY A 122 18.40 15.31 0.35
CA GLY A 122 18.28 14.11 1.17
C GLY A 122 17.08 14.08 2.10
N ILE A 123 16.06 14.91 1.84
CA ILE A 123 14.91 15.05 2.74
C ILE A 123 13.65 15.03 1.89
N PHE A 124 12.65 14.34 2.39
CA PHE A 124 11.31 14.30 1.81
C PHE A 124 10.28 14.47 2.92
N HIS A 125 9.04 14.70 2.55
CA HIS A 125 7.94 14.90 3.52
C HIS A 125 6.60 14.32 3.04
N PHE A 126 5.78 13.91 3.99
CA PHE A 126 4.44 13.36 3.71
C PHE A 126 3.51 13.91 4.79
N GLN A 127 2.22 13.93 4.50
CA GLN A 127 1.20 14.36 5.45
C GLN A 127 0.26 13.22 5.82
N LEU A 128 -0.05 13.14 7.11
CA LEU A 128 -0.86 12.06 7.67
C LEU A 128 -1.82 12.69 8.64
N TRP A 129 -2.98 12.03 8.84
CA TRP A 129 -3.94 12.32 9.91
C TRP A 129 -3.42 11.61 11.21
N GLN A 130 -2.98 12.37 12.20
CA GLN A 130 -2.35 11.79 13.38
C GLN A 130 -2.57 12.64 14.59
N PHE A 131 -2.81 12.04 15.75
CA PHE A 131 -2.92 12.79 17.00
C PHE A 131 -4.07 13.75 16.94
N GLY A 132 -5.02 13.50 16.03
CA GLY A 132 -6.15 14.42 15.82
C GLY A 132 -5.87 15.67 15.03
N GLU A 133 -4.86 15.62 14.15
CA GLU A 133 -4.38 16.74 13.30
C GLU A 133 -3.85 16.23 11.94
N TRP A 134 -3.87 17.07 10.91
CA TRP A 134 -3.06 16.84 9.72
C TRP A 134 -1.64 17.27 10.00
N VAL A 135 -0.71 16.35 9.87
CA VAL A 135 0.67 16.57 10.27
C VAL A 135 1.65 16.35 9.10
N ASP A 136 2.62 17.23 8.99
CA ASP A 136 3.70 17.06 8.03
C ASP A 136 4.86 16.34 8.70
N VAL A 137 5.25 15.20 8.12
CA VAL A 137 6.33 14.32 8.63
C VAL A 137 7.49 14.32 7.63
N VAL A 138 8.71 14.69 8.03
CA VAL A 138 9.88 14.63 7.17
C VAL A 138 10.61 13.28 7.44
N VAL A 139 11.36 12.83 6.45
CA VAL A 139 12.25 11.70 6.58
C VAL A 139 13.51 12.11 5.76
N ASP A 140 14.68 11.67 6.19
CA ASP A 140 15.82 11.58 5.28
C ASP A 140 15.60 10.37 4.30
N ASP A 141 16.31 10.34 3.17
CA ASP A 141 16.14 9.23 2.20
C ASP A 141 17.04 8.01 2.36
N LEU A 142 17.74 7.91 3.48
CA LEU A 142 18.43 6.67 3.83
C LEU A 142 17.41 5.54 4.08
N LEU A 143 17.56 4.43 3.34
CA LEU A 143 16.53 3.36 3.31
C LEU A 143 17.20 2.05 3.68
N PRO A 144 16.48 1.15 4.35
CA PRO A 144 17.12 -0.16 4.59
C PRO A 144 17.23 -0.99 3.29
N THR A 145 18.44 -1.45 3.07
CA THR A 145 18.78 -2.19 1.86
C THR A 145 19.59 -3.44 2.25
N LYS A 146 19.54 -4.46 1.41
CA LYS A 146 20.37 -5.63 1.56
C LYS A 146 20.82 -6.02 0.15
N ASP A 147 22.13 -6.25 -0.01
CA ASP A 147 22.72 -6.55 -1.31
C ASP A 147 22.30 -5.54 -2.39
N GLY A 148 22.13 -4.28 -1.97
CA GLY A 148 21.81 -3.20 -2.88
C GLY A 148 20.34 -3.04 -3.27
N LYS A 149 19.44 -3.77 -2.60
CA LYS A 149 18.02 -3.78 -2.92
C LYS A 149 17.27 -3.41 -1.66
N LEU A 150 16.17 -2.69 -1.81
CA LEU A 150 15.34 -2.34 -0.68
C LEU A 150 14.88 -3.61 0.01
N VAL A 151 14.94 -3.63 1.35
CA VAL A 151 14.43 -4.76 2.11
C VAL A 151 12.88 -4.72 2.30
N PHE A 152 12.34 -3.50 2.43
CA PHE A 152 10.90 -3.34 2.72
C PHE A 152 10.11 -2.99 1.45
N VAL A 153 9.14 -2.08 1.49
CA VAL A 153 8.32 -1.86 0.31
C VAL A 153 9.19 -1.32 -0.86
N HIS A 154 8.83 -1.70 -2.10
CA HIS A 154 9.48 -1.20 -3.30
C HIS A 154 8.46 -1.10 -4.44
N SER A 155 8.80 -0.37 -5.48
CA SER A 155 7.87 -0.25 -6.65
C SER A 155 8.20 -1.35 -7.65
N ALA A 156 7.24 -1.69 -8.53
CA ALA A 156 7.56 -2.54 -9.67
C ALA A 156 8.57 -1.89 -10.66
N GLN A 157 8.62 -0.54 -10.65
CA GLN A 157 9.72 0.26 -11.25
C GLN A 157 10.87 0.38 -10.25
N GLY A 158 11.97 -0.30 -10.54
CA GLY A 158 13.12 -0.45 -9.61
C GLY A 158 13.82 0.87 -9.32
N ASN A 159 13.49 1.90 -10.10
CA ASN A 159 14.10 3.23 -9.90
C ASN A 159 13.13 4.26 -9.22
N GLU A 160 11.97 3.76 -8.76
CA GLU A 160 10.98 4.61 -8.13
C GLU A 160 10.91 4.47 -6.62
N PHE A 161 10.87 5.61 -5.95
CA PHE A 161 11.08 5.69 -4.51
C PHE A 161 9.98 6.29 -3.63
N TRP A 162 8.94 6.90 -4.21
CA TRP A 162 7.95 7.59 -3.34
C TRP A 162 7.32 6.61 -2.32
N SER A 163 7.04 5.38 -2.73
CA SER A 163 6.32 4.50 -1.80
C SER A 163 7.20 3.98 -0.67
N ALA A 164 8.47 3.69 -0.98
CA ALA A 164 9.46 3.34 0.07
C ALA A 164 9.60 4.44 1.13
N LEU A 165 9.63 5.66 0.65
CA LEU A 165 9.75 6.87 1.47
C LEU A 165 8.49 7.12 2.29
N LEU A 166 7.29 6.90 1.73
CA LEU A 166 6.04 6.99 2.51
C LEU A 166 5.97 5.94 3.66
N GLU A 167 6.28 4.67 3.34
CA GLU A 167 6.33 3.61 4.34
C GLU A 167 7.34 3.98 5.46
N LYS A 168 8.49 4.57 5.11
CA LYS A 168 9.46 4.98 6.12
C LYS A 168 8.87 6.07 7.00
N ALA A 169 8.11 6.99 6.41
CA ALA A 169 7.55 8.09 7.20
C ALA A 169 6.51 7.52 8.19
N TYR A 170 5.78 6.54 7.74
CA TYR A 170 4.72 5.92 8.53
C TYR A 170 5.34 5.09 9.68
N ALA A 171 6.42 4.39 9.40
CA ALA A 171 7.21 3.76 10.44
C ALA A 171 7.69 4.78 11.48
N LYS A 172 8.15 5.96 11.01
CA LYS A 172 8.72 7.00 11.90
C LYS A 172 7.73 7.42 12.98
N VAL A 173 6.49 7.70 12.57
CA VAL A 173 5.44 8.09 13.51
C VAL A 173 5.03 7.01 14.49
N ASN A 174 5.19 5.75 14.08
CA ASN A 174 4.92 4.63 14.98
C ASN A 174 6.14 4.16 15.77
N GLY A 175 7.30 4.75 15.51
CA GLY A 175 8.48 4.38 16.24
C GLY A 175 9.55 3.56 15.55
N SER A 176 9.15 2.61 14.71
CA SER A 176 10.09 1.74 13.98
C SER A 176 9.36 1.00 12.89
N TYR A 177 10.09 0.38 11.96
CA TYR A 177 9.43 -0.49 11.00
C TYR A 177 8.74 -1.68 11.67
N GLU A 178 9.42 -2.30 12.63
CA GLU A 178 8.87 -3.45 13.41
C GLU A 178 7.52 -3.16 14.07
N ALA A 179 7.38 -1.95 14.61
CA ALA A 179 6.10 -1.45 15.11
C ALA A 179 4.93 -1.61 14.14
N LEU A 180 5.25 -1.73 12.84
CA LEU A 180 4.25 -1.88 11.81
C LEU A 180 3.82 -3.33 11.55
N SER A 181 4.48 -4.29 12.17
CA SER A 181 4.25 -5.72 11.95
C SER A 181 2.92 -6.08 12.60
N GLY A 182 1.92 -6.47 11.80
CA GLY A 182 0.58 -6.80 12.31
C GLY A 182 -0.28 -5.58 12.57
N GLY A 183 -1.38 -5.41 11.84
CA GLY A 183 -2.21 -4.24 12.07
C GLY A 183 -3.54 -4.40 11.39
N CYS A 184 -4.33 -3.35 11.39
CA CYS A 184 -5.59 -3.44 10.69
C CYS A 184 -5.67 -2.37 9.60
N THR A 185 -6.13 -2.80 8.42
CA THR A 185 -6.25 -1.92 7.26
C THR A 185 -6.96 -0.58 7.56
N SER A 186 -8.02 -0.64 8.38
CA SER A 186 -8.84 0.57 8.71
C SER A 186 -8.02 1.63 9.42
N GLU A 187 -6.98 1.20 10.15
CA GLU A 187 -6.13 2.12 10.88
C GLU A 187 -5.30 3.00 9.92
N ALA A 188 -4.64 2.39 8.94
CA ALA A 188 -4.01 3.13 7.88
C ALA A 188 -4.97 3.96 7.04
N PHE A 189 -6.19 3.44 6.75
CA PHE A 189 -7.23 4.23 6.04
C PHE A 189 -7.52 5.56 6.73
N GLU A 190 -7.76 5.52 8.05
CA GLU A 190 -7.94 6.71 8.89
C GLU A 190 -6.80 7.66 8.81
N ASP A 191 -5.58 7.14 9.04
CA ASP A 191 -4.32 7.95 9.07
C ASP A 191 -4.01 8.64 7.76
N PHE A 192 -4.65 8.21 6.66
CA PHE A 192 -4.49 8.86 5.36
C PHE A 192 -5.67 9.75 4.99
N THR A 193 -6.75 9.72 5.80
CA THR A 193 -8.02 10.43 5.42
C THR A 193 -8.65 11.27 6.52
N GLY A 194 -8.50 10.86 7.77
CA GLY A 194 -9.35 11.42 8.82
C GLY A 194 -10.82 11.08 8.69
N GLY A 195 -11.17 10.10 7.83
CA GLY A 195 -12.56 9.70 7.57
C GLY A 195 -13.05 8.60 8.49
N VAL A 196 -14.25 8.07 8.18
CA VAL A 196 -15.02 7.08 8.99
C VAL A 196 -14.91 5.68 8.39
N THR A 197 -14.42 4.74 9.20
CA THR A 197 -14.32 3.35 8.80
C THR A 197 -15.57 2.54 9.21
N GLU A 198 -15.98 1.61 8.35
CA GLU A 198 -17.02 0.63 8.63
C GLU A 198 -16.45 -0.72 8.18
N TRP A 199 -16.85 -1.79 8.83
CA TRP A 199 -16.49 -3.13 8.33
C TRP A 199 -17.75 -3.99 8.11
N TYR A 200 -17.60 -5.02 7.30
CA TYR A 200 -18.70 -5.90 6.95
C TYR A 200 -18.29 -7.34 7.16
N ASP A 201 -19.16 -8.08 7.82
CA ASP A 201 -18.99 -9.52 7.98
C ASP A 201 -19.54 -10.20 6.74
N LEU A 202 -18.64 -10.65 5.88
CA LEU A 202 -19.00 -11.20 4.57
C LEU A 202 -19.87 -12.46 4.65
N GLN A 203 -19.84 -13.17 5.78
CA GLN A 203 -20.71 -14.34 5.97
C GLN A 203 -22.15 -13.94 6.32
N LYS A 204 -22.31 -12.69 6.78
CA LYS A 204 -23.61 -12.11 7.02
C LYS A 204 -23.78 -10.84 6.19
N ALA A 205 -23.44 -10.90 4.90
CA ALA A 205 -23.40 -9.70 4.04
C ALA A 205 -24.82 -9.17 3.81
N PRO A 206 -25.01 -7.83 3.81
CA PRO A 206 -26.37 -7.45 3.42
C PRO A 206 -26.63 -7.73 1.93
N SER A 207 -27.92 -7.83 1.58
CA SER A 207 -28.33 -8.10 0.19
C SER A 207 -27.86 -7.03 -0.82
N ASP A 208 -27.72 -5.79 -0.36
CA ASP A 208 -27.27 -4.72 -1.26
C ASP A 208 -25.72 -4.45 -1.20
N LEU A 209 -24.93 -5.44 -0.77
CA LEU A 209 -23.53 -5.18 -0.53
C LEU A 209 -22.79 -4.83 -1.84
N TYR A 210 -23.12 -5.47 -2.94
CA TYR A 210 -22.51 -5.02 -4.21
C TYR A 210 -22.80 -3.53 -4.54
N GLN A 211 -24.02 -3.05 -4.27
CA GLN A 211 -24.36 -1.62 -4.48
C GLN A 211 -23.50 -0.65 -3.66
N ILE A 212 -23.29 -1.02 -2.39
CA ILE A 212 -22.51 -0.27 -1.41
C ILE A 212 -21.05 -0.15 -1.88
N ILE A 213 -20.54 -1.24 -2.44
CA ILE A 213 -19.19 -1.29 -2.93
C ILE A 213 -19.04 -0.35 -4.15
N LEU A 214 -19.90 -0.54 -5.14
CA LEU A 214 -19.98 0.35 -6.29
C LEU A 214 -20.08 1.82 -5.93
N LYS A 215 -20.94 2.17 -4.97
CA LYS A 215 -21.05 3.58 -4.58
C LYS A 215 -19.82 4.05 -3.83
N ALA A 216 -19.21 3.17 -3.02
CA ALA A 216 -17.99 3.55 -2.31
C ALA A 216 -16.85 3.79 -3.30
N LEU A 217 -16.66 2.87 -4.25
CA LEU A 217 -15.68 3.04 -5.31
C LEU A 217 -15.86 4.30 -6.17
N GLU A 218 -17.11 4.59 -6.56
CA GLU A 218 -17.47 5.81 -7.31
CA GLU A 218 -17.50 5.82 -7.25
C GLU A 218 -16.97 7.10 -6.62
C GLU A 218 -16.86 7.03 -6.57
N ARG A 219 -17.21 7.21 -5.31
CA ARG A 219 -16.79 8.37 -4.53
C ARG A 219 -15.38 8.33 -3.91
N GLY A 220 -14.55 7.36 -4.28
CA GLY A 220 -13.12 7.39 -3.87
C GLY A 220 -12.81 6.97 -2.45
N SER A 221 -13.79 6.33 -1.81
CA SER A 221 -13.62 5.71 -0.50
C SER A 221 -12.61 4.61 -0.66
N LEU A 222 -11.95 4.23 0.43
CA LEU A 222 -10.91 3.19 0.37
C LEU A 222 -11.46 1.86 0.90
N LEU A 223 -11.20 0.78 0.17
CA LEU A 223 -11.76 -0.57 0.45
C LEU A 223 -10.66 -1.59 0.51
N GLY A 224 -10.66 -2.43 1.55
CA GLY A 224 -9.78 -3.58 1.60
C GLY A 224 -10.58 -4.79 2.07
N CYS A 225 -10.00 -5.97 1.86
CA CYS A 225 -10.59 -7.22 2.31
C CYS A 225 -9.52 -8.23 2.78
N SER A 226 -9.97 -9.24 3.51
CA SER A 226 -9.09 -10.22 4.14
C SER A 226 -9.84 -11.51 4.51
N ILE A 227 -9.08 -12.60 4.68
CA ILE A 227 -9.60 -13.90 5.05
C ILE A 227 -9.08 -14.20 6.47
N ASN A 228 -9.99 -14.30 7.41
CA ASN A 228 -9.63 -14.68 8.76
C ASN A 228 -8.96 -16.08 8.76
N ILE A 229 -7.87 -16.23 9.53
CA ILE A 229 -7.37 -17.59 9.81
C ILE A 229 -8.11 -18.09 11.05
N SER A 230 -9.09 -18.95 10.81
CA SER A 230 -10.12 -19.38 11.79
C SER A 230 -9.72 -20.55 12.70
N ASP A 231 -8.58 -21.21 12.43
CA ASP A 231 -8.10 -22.41 13.17
C ASP A 231 -6.60 -22.34 13.59
N ILE A 232 -5.98 -21.17 13.39
CA ILE A 232 -4.59 -20.84 13.81
C ILE A 232 -3.67 -20.41 12.61
N ARG A 233 -3.09 -21.37 11.90
CA ARG A 233 -2.64 -21.20 10.50
C ARG A 233 -2.75 -22.56 9.80
N ASP A 234 -3.87 -23.24 10.04
CA ASP A 234 -3.98 -24.71 9.87
C ASP A 234 -4.31 -25.32 8.50
N LEU A 235 -3.96 -24.59 7.44
CA LEU A 235 -4.07 -25.12 6.06
C LEU A 235 -2.94 -24.51 5.18
N GLU A 236 -1.95 -23.92 5.87
CA GLU A 236 -0.98 -22.90 5.36
C GLU A 236 -1.64 -21.51 5.36
N ALA A 237 -0.83 -20.47 5.23
CA ALA A 237 -1.34 -19.14 4.89
C ALA A 237 -2.01 -19.12 3.49
N ILE A 238 -1.49 -19.90 2.55
CA ILE A 238 -1.99 -19.90 1.18
C ILE A 238 -3.04 -20.98 1.00
N THR A 239 -4.19 -20.61 0.42
CA THR A 239 -5.30 -21.56 0.22
C THR A 239 -5.09 -22.42 -1.04
N PHE A 240 -5.99 -23.38 -1.27
CA PHE A 240 -5.89 -24.23 -2.46
C PHE A 240 -6.10 -23.44 -3.75
N LYS A 241 -6.87 -22.35 -3.65
CA LYS A 241 -7.14 -21.50 -4.82
C LYS A 241 -6.17 -20.28 -4.95
N ASN A 242 -5.06 -20.36 -4.21
CA ASN A 242 -3.97 -19.37 -4.18
C ASN A 242 -4.25 -18.01 -3.49
N LEU A 243 -5.18 -18.00 -2.54
CA LEU A 243 -5.47 -16.78 -1.77
C LEU A 243 -4.64 -16.79 -0.49
N VAL A 244 -4.23 -15.63 0.02
CA VAL A 244 -3.42 -15.61 1.26
C VAL A 244 -4.29 -15.22 2.45
N ARG A 245 -4.30 -16.05 3.50
CA ARG A 245 -5.13 -15.81 4.68
C ARG A 245 -4.39 -14.89 5.67
N GLY A 246 -5.14 -14.07 6.41
CA GLY A 246 -4.60 -13.13 7.39
C GLY A 246 -3.73 -12.09 6.70
N HIS A 247 -4.19 -11.64 5.53
CA HIS A 247 -3.43 -10.80 4.62
C HIS A 247 -4.39 -9.78 4.01
N ALA A 248 -4.06 -8.51 4.16
CA ALA A 248 -4.85 -7.43 3.63
C ALA A 248 -4.71 -7.35 2.13
N TYR A 249 -5.85 -7.33 1.41
CA TYR A 249 -5.89 -7.08 -0.02
C TYR A 249 -6.55 -5.72 -0.20
N SER A 250 -6.21 -5.00 -1.27
CA SER A 250 -6.91 -3.76 -1.68
C SER A 250 -8.03 -4.14 -2.64
N VAL A 251 -9.20 -3.53 -2.49
CA VAL A 251 -10.27 -3.69 -3.45
C VAL A 251 -10.20 -2.48 -4.39
N THR A 252 -10.07 -2.75 -5.69
CA THR A 252 -9.63 -1.77 -6.64
C THR A 252 -10.65 -1.52 -7.76
N ASP A 253 -11.70 -2.34 -7.87
CA ASP A 253 -12.75 -2.08 -8.87
C ASP A 253 -13.94 -3.01 -8.59
N ALA A 254 -15.07 -2.64 -9.17
CA ALA A 254 -16.22 -3.51 -9.27
C ALA A 254 -16.92 -3.15 -10.58
N LYS A 255 -17.11 -4.18 -11.40
CA LYS A 255 -17.62 -4.04 -12.74
C LYS A 255 -18.41 -5.29 -13.10
N GLN A 256 -19.35 -5.11 -14.02
CA GLN A 256 -20.34 -6.11 -14.40
C GLN A 256 -20.08 -6.58 -15.85
N VAL A 257 -20.12 -7.91 -16.09
CA VAL A 257 -19.85 -8.49 -17.42
C VAL A 257 -21.01 -9.34 -17.91
N THR A 258 -21.16 -9.47 -19.22
CA THR A 258 -22.21 -10.34 -19.77
C THR A 258 -21.58 -11.70 -20.03
N TYR A 259 -21.93 -12.68 -19.19
CA TYR A 259 -21.36 -14.04 -19.22
C TYR A 259 -22.41 -15.00 -19.77
N GLN A 260 -22.15 -15.49 -20.98
CA GLN A 260 -23.11 -16.25 -21.79
C GLN A 260 -24.47 -15.61 -21.73
N GLY A 261 -24.55 -14.35 -22.15
CA GLY A 261 -25.81 -13.63 -22.19
C GLY A 261 -26.41 -13.19 -20.86
N GLN A 262 -25.82 -13.58 -19.73
CA GLN A 262 -26.25 -13.05 -18.43
C GLN A 262 -25.20 -12.13 -17.78
N ARG A 263 -25.67 -11.09 -17.11
CA ARG A 263 -24.80 -10.23 -16.28
C ARG A 263 -24.30 -10.97 -15.04
N VAL A 264 -22.99 -10.89 -14.84
CA VAL A 264 -22.31 -11.41 -13.67
C VAL A 264 -21.55 -10.22 -13.03
N ASN A 265 -21.82 -9.98 -11.76
CA ASN A 265 -21.13 -8.97 -10.98
C ASN A 265 -19.73 -9.41 -10.61
N LEU A 266 -18.74 -8.63 -11.05
CA LEU A 266 -17.32 -8.89 -10.71
C LEU A 266 -16.73 -7.87 -9.71
N ILE A 267 -15.65 -8.24 -9.03
CA ILE A 267 -14.95 -7.37 -8.08
C ILE A 267 -13.46 -7.64 -8.31
N ARG A 268 -12.65 -6.57 -8.21
CA ARG A 268 -11.20 -6.64 -8.51
C ARG A 268 -10.45 -6.23 -7.24
N MET A 269 -9.46 -7.06 -6.87
CA MET A 269 -8.59 -6.80 -5.72
C MET A 269 -7.15 -7.03 -6.11
N ARG A 270 -6.25 -6.48 -5.30
CA ARG A 270 -4.83 -6.56 -5.52
C ARG A 270 -4.12 -7.01 -4.25
N ASN A 271 -3.38 -8.10 -4.36
CA ASN A 271 -2.44 -8.52 -3.30
C ASN A 271 -1.27 -7.50 -3.29
N PRO A 272 -1.03 -6.84 -2.14
CA PRO A 272 0.07 -5.87 -1.96
C PRO A 272 1.46 -6.46 -2.10
N TRP A 273 1.60 -7.79 -2.06
CA TRP A 273 2.77 -8.43 -2.68
C TRP A 273 3.07 -8.02 -4.12
N GLY A 274 2.08 -7.67 -4.94
CA GLY A 274 2.40 -7.40 -6.37
C GLY A 274 2.56 -8.69 -7.19
N GLU A 275 2.15 -9.80 -6.58
CA GLU A 275 2.21 -11.16 -7.15
C GLU A 275 1.36 -12.12 -6.31
N VAL A 276 1.12 -13.32 -6.83
CA VAL A 276 0.38 -14.39 -6.12
C VAL A 276 -1.12 -14.12 -6.08
N GLU A 277 -1.82 -14.69 -7.05
CA GLU A 277 -3.20 -14.34 -7.34
C GLU A 277 -4.16 -15.52 -7.28
N TRP A 278 -5.41 -15.20 -6.97
CA TRP A 278 -6.55 -16.12 -7.10
C TRP A 278 -6.38 -16.92 -8.37
N LYS A 279 -6.60 -18.23 -8.27
CA LYS A 279 -6.57 -19.10 -9.46
C LYS A 279 -7.92 -19.74 -9.73
N GLY A 280 -8.98 -19.14 -9.19
CA GLY A 280 -10.34 -19.62 -9.46
C GLY A 280 -10.98 -18.93 -10.66
N PRO A 281 -12.31 -19.10 -10.83
CA PRO A 281 -13.02 -18.44 -11.92
C PRO A 281 -12.78 -16.92 -11.97
N TRP A 282 -12.56 -16.40 -13.17
CA TRP A 282 -12.31 -14.96 -13.47
C TRP A 282 -10.86 -14.51 -13.19
N SER A 283 -10.04 -15.40 -12.59
CA SER A 283 -8.58 -15.25 -12.58
C SER A 283 -8.04 -15.02 -13.99
N ASP A 284 -6.83 -14.51 -14.11
CA ASP A 284 -6.25 -14.13 -15.40
C ASP A 284 -6.28 -15.18 -16.54
N ASN A 285 -6.13 -16.46 -16.18
CA ASN A 285 -6.09 -17.57 -17.14
C ASN A 285 -7.30 -18.46 -17.07
N SER A 286 -8.36 -17.99 -16.44
CA SER A 286 -9.55 -18.78 -16.28
C SER A 286 -10.27 -18.84 -17.60
N TYR A 287 -11.11 -19.87 -17.76
CA TYR A 287 -11.90 -20.00 -18.98
C TYR A 287 -13.00 -18.93 -19.15
N GLU A 288 -13.53 -18.44 -18.02
CA GLU A 288 -14.71 -17.54 -18.00
C GLU A 288 -14.66 -16.40 -19.00
N TRP A 289 -13.44 -15.87 -19.15
CA TRP A 289 -13.15 -14.78 -20.07
C TRP A 289 -13.40 -15.14 -21.56
N ASN A 290 -13.26 -16.44 -21.91
CA ASN A 290 -13.69 -16.95 -23.24
C ASN A 290 -15.17 -16.68 -23.58
N LYS A 291 -16.00 -16.41 -22.57
CA LYS A 291 -17.46 -16.42 -22.75
C LYS A 291 -18.15 -15.08 -22.43
N VAL A 292 -17.37 -14.01 -22.36
CA VAL A 292 -17.91 -12.66 -22.27
C VAL A 292 -17.73 -12.04 -23.66
N ASP A 293 -18.29 -10.86 -23.94
CA ASP A 293 -18.04 -10.32 -25.29
C ASP A 293 -16.64 -9.71 -25.37
N PRO A 294 -16.00 -9.77 -26.55
CA PRO A 294 -14.61 -9.37 -26.76
C PRO A 294 -14.20 -8.03 -26.14
N TYR A 295 -15.06 -7.01 -26.25
CA TYR A 295 -14.76 -5.67 -25.74
C TYR A 295 -14.61 -5.62 -24.22
N GLU A 296 -15.63 -6.13 -23.52
CA GLU A 296 -15.58 -6.25 -22.05
C GLU A 296 -14.32 -6.98 -21.58
N ARG A 297 -13.97 -8.05 -22.31
CA ARG A 297 -12.79 -8.87 -22.02
C ARG A 297 -11.53 -8.03 -22.11
N GLU A 298 -11.40 -7.27 -23.19
CA GLU A 298 -10.20 -6.52 -23.41
C GLU A 298 -10.15 -5.19 -22.62
N GLN A 299 -11.29 -4.75 -22.08
CA GLN A 299 -11.34 -3.59 -21.18
C GLN A 299 -10.96 -3.96 -19.75
N LEU A 300 -11.31 -5.20 -19.34
CA LEU A 300 -11.21 -5.63 -17.96
C LEU A 300 -10.10 -6.64 -17.68
N ARG A 301 -9.86 -7.61 -18.57
CA ARG A 301 -8.83 -8.59 -18.27
C ARG A 301 -7.44 -8.07 -18.63
N VAL A 302 -6.49 -8.27 -17.72
CA VAL A 302 -5.07 -8.02 -17.98
C VAL A 302 -4.35 -9.30 -17.58
N LYS A 303 -3.83 -10.05 -18.56
CA LYS A 303 -3.01 -11.24 -18.26
C LYS A 303 -1.58 -10.81 -17.84
N MET A 304 -1.35 -10.77 -16.53
CA MET A 304 -0.12 -10.24 -15.97
C MET A 304 -0.11 -10.60 -14.51
N GLU A 305 0.95 -11.29 -14.07
CA GLU A 305 1.21 -11.57 -12.66
C GLU A 305 1.57 -10.25 -11.97
N ASP A 306 0.54 -9.52 -11.52
CA ASP A 306 0.74 -8.20 -10.92
C ASP A 306 0.14 -8.10 -9.51
N GLY A 307 -0.34 -9.26 -9.02
CA GLY A 307 -1.06 -9.31 -7.76
C GLY A 307 -2.53 -8.99 -7.84
N GLU A 308 -2.93 -8.38 -8.96
CA GLU A 308 -4.27 -7.87 -9.16
C GLU A 308 -5.17 -8.84 -10.01
N PHE A 309 -6.40 -9.12 -9.56
CA PHE A 309 -7.27 -10.12 -10.25
C PHE A 309 -8.79 -9.87 -10.01
N TRP A 310 -9.61 -10.43 -10.90
CA TRP A 310 -11.08 -10.47 -10.71
C TRP A 310 -11.57 -11.76 -10.03
N MET A 311 -12.59 -11.61 -9.17
CA MET A 311 -13.45 -12.73 -8.71
C MET A 311 -14.89 -12.36 -9.09
N SER A 312 -15.78 -13.36 -9.23
CA SER A 312 -17.23 -13.04 -9.10
C SER A 312 -17.53 -12.58 -7.68
N PHE A 313 -18.48 -11.66 -7.52
CA PHE A 313 -18.89 -11.27 -6.18
C PHE A 313 -19.32 -12.46 -5.28
N ARG A 314 -19.99 -13.46 -5.87
CA ARG A 314 -20.44 -14.69 -5.19
C ARG A 314 -19.27 -15.43 -4.58
N ASP A 315 -18.20 -15.59 -5.36
CA ASP A 315 -16.96 -16.23 -4.91
C ASP A 315 -16.23 -15.39 -3.86
N PHE A 316 -16.14 -14.08 -4.10
CA PHE A 316 -15.56 -13.15 -3.14
C PHE A 316 -16.15 -13.30 -1.75
N ILE A 317 -17.50 -13.28 -1.65
CA ILE A 317 -18.17 -13.32 -0.35
C ILE A 317 -18.10 -14.69 0.31
N ARG A 318 -17.83 -15.73 -0.49
CA ARG A 318 -17.55 -17.08 0.02
C ARG A 318 -16.13 -17.21 0.46
N GLU A 319 -15.19 -16.69 -0.34
CA GLU A 319 -13.78 -16.87 0.00
C GLU A 319 -13.29 -15.91 1.13
N PHE A 320 -13.62 -14.63 1.05
CA PHE A 320 -13.18 -13.64 2.05
C PHE A 320 -14.14 -13.53 3.25
N THR A 321 -13.65 -13.08 4.40
CA THR A 321 -14.51 -13.04 5.58
C THR A 321 -14.81 -11.61 6.03
N LYS A 322 -13.96 -10.66 5.60
CA LYS A 322 -14.10 -9.29 6.06
C LYS A 322 -13.84 -8.29 4.95
N LEU A 323 -14.73 -7.29 4.85
CA LEU A 323 -14.50 -6.11 4.06
C LEU A 323 -14.56 -4.86 4.91
N GLU A 324 -13.56 -3.99 4.69
CA GLU A 324 -13.43 -2.65 5.33
C GLU A 324 -13.57 -1.51 4.32
N ILE A 325 -14.41 -0.53 4.69
CA ILE A 325 -14.64 0.62 3.82
C ILE A 325 -14.38 1.88 4.66
N CYS A 326 -13.53 2.77 4.13
CA CYS A 326 -13.33 4.09 4.78
C CYS A 326 -13.89 5.14 3.87
N ASN A 327 -14.94 5.80 4.34
CA ASN A 327 -15.58 6.86 3.58
C ASN A 327 -15.09 8.23 4.02
N LEU A 328 -14.70 9.07 3.05
CA LEU A 328 -14.37 10.46 3.36
C LEU A 328 -15.50 11.43 2.99
N THR A 329 -15.19 12.72 2.89
CA THR A 329 -16.18 13.76 2.59
C THR A 329 -16.15 14.16 1.11
#